data_2AW6
#
_entry.id   2AW6
#
_cell.length_a   82.546
_cell.length_b   82.546
_cell.length_c   380.156
_cell.angle_alpha   90.00
_cell.angle_beta   90.00
_cell.angle_gamma   120.00
#
_symmetry.space_group_name_H-M   'P 61 2 2'
#
loop_
_entity.id
_entity.type
_entity.pdbx_description
1 polymer PrgX
2 polymer peptide
3 water water
#
loop_
_entity_poly.entity_id
_entity_poly.type
_entity_poly.pdbx_seq_one_letter_code
_entity_poly.pdbx_strand_id
1 'polypeptide(L)'
;MFKIGSVLKQIRQELNYHQIDLYSGIMSKSVYIKVEADSRPISVEELSKFSERLGVNFFEILNRAGMNTKSVNETGKEKL
LISKIFTNPDLFDKNFQRIEPKRLTSLQYFSIYLGYISIAHHYNIEVPTFNKTITSDLKHLYDKRTTFFGIDYEIVSNLL
NVLPYEEVSSIIKPMYPIVDSFGKDYDLTIQTVLKNALTISIMNRNLKEAQYYINQFEHLKTIKNISINGYYDLEINYLK
QIYQFLTDKNIDSYLNAVNIINIFKIIGKEDIHRSLVEELTKISAKEKFTPPKEVTMYYENYVAIENNPIPEIKEQS
;
A,B
2 'polypeptide(L)' LVTLVFV E,F
#
# COMPACT_ATOMS: atom_id res chain seq x y z
N MET A 1 -3.08 -21.00 -10.90
CA MET A 1 -2.26 -22.03 -10.17
C MET A 1 -2.36 -21.84 -8.66
N PHE A 2 -3.51 -21.35 -8.17
CA PHE A 2 -3.66 -21.00 -6.75
C PHE A 2 -4.93 -21.61 -6.16
N LYS A 3 -4.83 -22.04 -4.91
CA LYS A 3 -5.97 -22.64 -4.21
C LYS A 3 -6.84 -21.54 -3.59
N ILE A 4 -7.66 -20.90 -4.43
CA ILE A 4 -8.63 -19.89 -3.98
C ILE A 4 -9.81 -20.55 -3.27
N GLY A 5 -10.33 -21.61 -3.87
CA GLY A 5 -11.43 -22.36 -3.29
C GLY A 5 -11.11 -22.77 -1.87
N SER A 6 -9.90 -23.32 -1.65
CA SER A 6 -9.51 -23.75 -0.32
C SER A 6 -9.56 -22.57 0.66
N VAL A 7 -9.14 -21.38 0.23
CA VAL A 7 -9.20 -20.19 1.08
C VAL A 7 -10.65 -19.74 1.33
N LEU A 8 -11.50 -19.82 0.31
CA LEU A 8 -12.92 -19.56 0.48
C LEU A 8 -13.50 -20.51 1.53
N LYS A 9 -13.21 -21.80 1.38
CA LYS A 9 -13.66 -22.82 2.33
C LYS A 9 -13.18 -22.47 3.72
N GLN A 10 -11.90 -22.15 3.81
CA GLN A 10 -11.23 -21.79 5.05
C GLN A 10 -11.98 -20.66 5.75
N ILE A 11 -12.21 -19.58 5.02
CA ILE A 11 -12.88 -18.38 5.54
C ILE A 11 -14.35 -18.67 5.87
N ARG A 12 -15.04 -19.33 4.95
CA ARG A 12 -16.45 -19.69 5.12
C ARG A 12 -16.69 -20.41 6.46
N GLN A 13 -15.91 -21.46 6.71
CA GLN A 13 -16.02 -22.25 7.93
C GLN A 13 -15.63 -21.45 9.15
N GLU A 14 -14.65 -20.55 9.01
CA GLU A 14 -14.20 -19.72 10.13
C GLU A 14 -15.29 -18.74 10.55
N LEU A 15 -16.16 -18.40 9.62
CA LEU A 15 -17.23 -17.44 9.86
C LEU A 15 -18.56 -18.15 10.10
N ASN A 16 -18.51 -19.48 10.20
CA ASN A 16 -19.71 -20.32 10.38
C ASN A 16 -20.81 -20.11 9.35
N TYR A 17 -20.44 -19.77 8.11
CA TYR A 17 -21.38 -19.75 6.99
C TYR A 17 -21.49 -21.15 6.37
N HIS A 18 -22.71 -21.46 5.89
CA HIS A 18 -22.99 -22.69 5.18
C HIS A 18 -22.78 -22.52 3.67
N GLN A 19 -22.30 -23.57 3.03
CA GLN A 19 -22.06 -23.55 1.59
C GLN A 19 -23.17 -22.81 0.86
N ILE A 20 -24.42 -23.03 1.27
CA ILE A 20 -25.61 -22.43 0.61
C ILE A 20 -25.54 -20.91 0.59
N ASP A 21 -25.23 -20.31 1.74
CA ASP A 21 -25.01 -18.85 1.89
C ASP A 21 -24.08 -18.25 0.80
N LEU A 22 -23.25 -19.10 0.20
CA LEU A 22 -22.25 -18.65 -0.77
C LEU A 22 -22.68 -18.83 -2.23
N TYR A 23 -23.06 -20.04 -2.61
CA TYR A 23 -23.29 -20.34 -4.02
C TYR A 23 -24.64 -19.88 -4.53
N SER A 24 -25.62 -19.81 -3.63
CA SER A 24 -27.02 -19.49 -4.02
C SER A 24 -27.18 -18.15 -4.74
N GLY A 25 -27.79 -18.22 -5.92
CA GLY A 25 -27.93 -17.07 -6.81
C GLY A 25 -26.64 -16.74 -7.55
N ILE A 26 -25.71 -17.69 -7.58
CA ILE A 26 -24.45 -17.53 -8.29
C ILE A 26 -24.12 -18.79 -9.09
N MET A 27 -24.22 -19.96 -8.45
CA MET A 27 -23.98 -21.23 -9.16
C MET A 27 -24.66 -22.42 -8.45
N SER A 28 -24.50 -23.62 -9.02
CA SER A 28 -25.06 -24.83 -8.42
C SER A 28 -24.22 -25.26 -7.24
N LYS A 29 -24.82 -26.08 -6.35
CA LYS A 29 -24.09 -26.64 -5.21
C LYS A 29 -22.90 -27.46 -5.70
N SER A 30 -23.18 -28.42 -6.58
CA SER A 30 -22.15 -29.35 -7.08
C SER A 30 -21.00 -28.59 -7.74
N VAL A 31 -21.31 -27.47 -8.39
CA VAL A 31 -20.26 -26.62 -8.95
C VAL A 31 -19.46 -25.90 -7.87
N TYR A 32 -20.14 -25.30 -6.89
CA TYR A 32 -19.43 -24.62 -5.79
C TYR A 32 -18.57 -25.56 -4.96
N ILE A 33 -19.03 -26.79 -4.78
CA ILE A 33 -18.24 -27.85 -4.14
C ILE A 33 -16.94 -28.07 -4.91
N LYS A 34 -17.02 -27.97 -6.23
CA LYS A 34 -15.84 -28.09 -7.08
C LYS A 34 -14.91 -26.90 -6.95
N VAL A 35 -15.46 -25.72 -6.66
CA VAL A 35 -14.63 -24.52 -6.45
C VAL A 35 -13.81 -24.65 -5.16
N GLU A 36 -14.47 -24.99 -4.05
CA GLU A 36 -13.78 -25.25 -2.77
C GLU A 36 -12.81 -26.43 -2.86
N ALA A 37 -13.10 -27.39 -3.75
CA ALA A 37 -12.20 -28.51 -4.00
C ALA A 37 -11.00 -28.06 -4.83
N ASP A 38 -11.12 -26.86 -5.41
CA ASP A 38 -10.14 -26.31 -6.36
C ASP A 38 -9.93 -27.21 -7.58
N SER A 39 -11.03 -27.73 -8.11
CA SER A 39 -11.00 -28.53 -9.32
C SER A 39 -11.52 -27.72 -10.51
N ARG A 40 -12.48 -26.83 -10.23
CA ARG A 40 -12.98 -25.87 -11.21
C ARG A 40 -12.39 -24.50 -10.92
N PRO A 41 -11.74 -23.88 -11.94
CA PRO A 41 -11.25 -22.53 -11.76
C PRO A 41 -12.39 -21.52 -11.62
N ILE A 42 -12.14 -20.50 -10.81
CA ILE A 42 -13.12 -19.48 -10.44
C ILE A 42 -12.93 -18.20 -11.28
N SER A 43 -14.03 -17.56 -11.67
CA SER A 43 -13.98 -16.29 -12.39
C SER A 43 -13.73 -15.14 -11.42
N VAL A 44 -13.17 -14.05 -11.93
CA VAL A 44 -12.96 -12.85 -11.14
C VAL A 44 -14.32 -12.34 -10.63
N GLU A 45 -15.30 -12.29 -11.54
CA GLU A 45 -16.65 -11.89 -11.19
C GLU A 45 -17.17 -12.71 -10.00
N GLU A 46 -17.02 -14.04 -10.10
CA GLU A 46 -17.46 -14.97 -9.06
C GLU A 46 -16.78 -14.69 -7.73
N LEU A 47 -15.44 -14.61 -7.75
CA LEU A 47 -14.66 -14.33 -6.54
C LEU A 47 -15.08 -13.01 -5.88
N SER A 48 -15.34 -12.01 -6.72
CA SER A 48 -15.80 -10.72 -6.26
C SER A 48 -17.11 -10.88 -5.52
N LYS A 49 -17.99 -11.71 -6.07
CA LYS A 49 -19.30 -11.96 -5.46
C LYS A 49 -19.17 -12.71 -4.14
N PHE A 50 -18.26 -13.69 -4.10
CA PHE A 50 -17.99 -14.42 -2.85
C PHE A 50 -17.37 -13.55 -1.75
N SER A 51 -16.48 -12.65 -2.16
CA SER A 51 -15.89 -11.66 -1.27
C SER A 51 -16.94 -10.82 -0.55
N GLU A 52 -18.04 -10.51 -1.26
CA GLU A 52 -19.12 -9.74 -0.67
C GLU A 52 -19.89 -10.57 0.34
N ARG A 53 -20.19 -11.82 -0.02
CA ARG A 53 -20.93 -12.73 0.84
C ARG A 53 -20.25 -12.94 2.19
N LEU A 54 -18.92 -13.02 2.19
CA LEU A 54 -18.15 -13.28 3.41
C LEU A 54 -17.87 -12.01 4.20
N GLY A 55 -17.60 -10.92 3.50
CA GLY A 55 -17.30 -9.66 4.18
C GLY A 55 -15.82 -9.52 4.39
N VAL A 56 -15.05 -10.35 3.69
CA VAL A 56 -13.61 -10.28 3.71
C VAL A 56 -13.11 -9.73 2.36
N ASN A 57 -12.24 -8.73 2.43
CA ASN A 57 -11.67 -8.05 1.27
C ASN A 57 -11.22 -8.96 0.11
N PHE A 58 -11.61 -8.57 -1.09
CA PHE A 58 -11.32 -9.33 -2.31
C PHE A 58 -9.81 -9.58 -2.49
N PHE A 59 -9.03 -8.53 -2.32
CA PHE A 59 -7.59 -8.62 -2.51
C PHE A 59 -6.91 -9.42 -1.41
N GLU A 60 -7.46 -9.34 -0.20
CA GLU A 60 -6.96 -10.11 0.92
C GLU A 60 -7.14 -11.58 0.58
N ILE A 61 -8.33 -11.95 0.15
CA ILE A 61 -8.57 -13.34 -0.21
C ILE A 61 -7.54 -13.78 -1.26
N LEU A 62 -7.21 -12.90 -2.21
CA LEU A 62 -6.16 -13.22 -3.19
C LEU A 62 -4.78 -13.44 -2.56
N ASN A 63 -4.38 -12.54 -1.68
CA ASN A 63 -3.13 -12.72 -0.96
C ASN A 63 -3.08 -14.06 -0.26
N ARG A 64 -4.14 -14.37 0.48
CA ARG A 64 -4.22 -15.62 1.20
C ARG A 64 -4.14 -16.81 0.25
N ALA A 65 -4.64 -16.63 -0.97
CA ALA A 65 -4.61 -17.70 -1.97
C ALA A 65 -3.21 -17.91 -2.54
N GLY A 66 -2.33 -16.92 -2.35
CA GLY A 66 -0.94 -17.00 -2.82
C GLY A 66 -0.49 -16.00 -3.88
N MET A 67 -1.13 -14.84 -3.95
CA MET A 67 -0.69 -13.78 -4.87
C MET A 67 0.20 -12.73 -4.18
N ASN A 68 0.16 -12.72 -2.84
CA ASN A 68 0.95 -11.78 -2.02
C ASN A 68 2.45 -11.87 -2.22
N THR A 69 2.93 -13.09 -2.44
CA THR A 69 4.34 -13.31 -2.78
C THR A 69 4.58 -12.93 -4.23
N LYS A 70 5.86 -12.90 -4.62
CA LYS A 70 6.26 -12.53 -5.98
C LYS A 70 6.69 -13.77 -6.76
N SER A 71 7.02 -14.84 -6.03
CA SER A 71 7.47 -16.11 -6.59
C SER A 71 6.41 -16.80 -7.45
N VAL A 72 5.29 -16.10 -7.69
CA VAL A 72 4.16 -16.66 -8.43
C VAL A 72 4.51 -16.96 -9.89
N ASN A 73 5.42 -16.17 -10.45
CA ASN A 73 5.87 -16.36 -11.82
C ASN A 73 7.37 -16.13 -11.98
N GLU A 74 7.89 -16.40 -13.18
CA GLU A 74 9.32 -16.29 -13.48
C GLU A 74 9.86 -14.95 -13.04
N THR A 75 9.22 -13.88 -13.51
CA THR A 75 9.68 -12.50 -13.34
C THR A 75 10.01 -12.16 -11.88
N GLY A 76 9.09 -12.47 -10.98
CA GLY A 76 9.27 -12.20 -9.55
C GLY A 76 10.48 -12.87 -8.93
N LYS A 77 10.66 -14.16 -9.24
CA LYS A 77 11.83 -14.90 -8.78
C LYS A 77 13.06 -14.08 -9.13
N GLU A 78 13.14 -13.69 -10.40
CA GLU A 78 14.26 -12.94 -10.96
C GLU A 78 14.48 -11.62 -10.23
N LYS A 79 13.38 -10.99 -9.84
CA LYS A 79 13.42 -9.71 -9.12
C LYS A 79 13.91 -9.88 -7.68
N LEU A 80 13.59 -11.03 -7.08
CA LEU A 80 14.09 -11.33 -5.75
C LEU A 80 15.58 -11.69 -5.82
N LEU A 81 15.95 -12.30 -6.94
CA LEU A 81 17.33 -12.70 -7.21
C LEU A 81 18.30 -11.51 -7.20
N ILE A 82 17.81 -10.33 -7.55
CA ILE A 82 18.59 -9.09 -7.55
C ILE A 82 19.29 -8.89 -6.20
N SER A 83 18.56 -9.04 -5.10
CA SER A 83 19.11 -8.84 -3.76
C SER A 83 20.29 -9.78 -3.51
N LYS A 84 20.07 -11.06 -3.77
CA LYS A 84 21.09 -12.10 -3.65
C LYS A 84 22.37 -11.66 -4.36
N ILE A 85 22.23 -11.28 -5.63
CA ILE A 85 23.36 -10.85 -6.46
C ILE A 85 24.01 -9.56 -5.99
N PHE A 86 23.20 -8.61 -5.55
CA PHE A 86 23.72 -7.36 -5.03
C PHE A 86 24.71 -7.60 -3.90
N THR A 87 24.33 -8.46 -2.95
CA THR A 87 25.18 -8.77 -1.81
C THR A 87 26.28 -9.77 -2.18
N ASN A 88 25.99 -10.70 -3.08
CA ASN A 88 26.97 -11.72 -3.49
C ASN A 88 27.33 -11.67 -4.99
N PRO A 89 28.14 -10.65 -5.38
CA PRO A 89 28.43 -10.28 -6.78
C PRO A 89 29.04 -11.37 -7.65
N ASP A 90 29.81 -12.27 -7.04
CA ASP A 90 30.47 -13.37 -7.77
C ASP A 90 29.45 -14.19 -8.59
N LEU A 91 28.18 -14.07 -8.23
CA LEU A 91 27.09 -14.74 -8.91
C LEU A 91 26.56 -13.92 -10.10
N PHE A 92 27.14 -12.75 -10.32
CA PHE A 92 26.71 -11.86 -11.41
C PHE A 92 26.77 -12.52 -12.79
N ASP A 93 27.99 -12.80 -13.26
CA ASP A 93 28.25 -13.20 -14.64
C ASP A 93 27.27 -14.27 -15.11
N LYS A 94 27.15 -15.34 -14.33
CA LYS A 94 26.32 -16.49 -14.70
C LYS A 94 24.88 -16.05 -14.97
N ASN A 95 24.34 -15.21 -14.10
CA ASN A 95 22.95 -14.76 -14.17
C ASN A 95 22.69 -13.73 -15.28
N PHE A 96 23.49 -12.67 -15.27
CA PHE A 96 23.42 -11.62 -16.28
C PHE A 96 23.39 -12.17 -17.69
N GLN A 97 24.09 -13.29 -17.91
CA GLN A 97 24.12 -13.98 -19.21
C GLN A 97 22.77 -14.54 -19.62
N ARG A 98 21.97 -14.88 -18.62
CA ARG A 98 20.65 -15.45 -18.85
C ARG A 98 19.61 -14.34 -19.02
N ILE A 99 19.79 -13.26 -18.24
CA ILE A 99 18.88 -12.12 -18.21
C ILE A 99 19.03 -11.21 -19.45
N GLU A 100 20.27 -10.81 -19.73
CA GLU A 100 20.59 -9.83 -20.77
C GLU A 100 19.81 -10.02 -22.07
N PRO A 101 19.83 -11.22 -22.68
CA PRO A 101 19.08 -11.43 -23.92
C PRO A 101 17.55 -11.32 -23.82
N LYS A 102 17.00 -11.51 -22.62
CA LYS A 102 15.56 -11.52 -22.42
C LYS A 102 15.01 -10.11 -22.13
N ARG A 103 15.93 -9.16 -22.00
CA ARG A 103 15.62 -7.80 -21.51
C ARG A 103 14.49 -7.06 -22.23
N LEU A 104 14.26 -7.36 -23.51
CA LEU A 104 13.24 -6.65 -24.27
C LEU A 104 11.98 -7.48 -24.51
N THR A 105 11.80 -8.55 -23.73
CA THR A 105 10.64 -9.44 -23.88
C THR A 105 9.39 -8.84 -23.25
N SER A 106 9.48 -8.54 -21.96
CA SER A 106 8.43 -7.86 -21.23
C SER A 106 9.04 -6.68 -20.51
N LEU A 107 8.23 -5.65 -20.25
CA LEU A 107 8.66 -4.48 -19.47
C LEU A 107 9.25 -4.93 -18.14
N GLN A 108 8.77 -6.09 -17.67
CA GLN A 108 9.20 -6.73 -16.44
C GLN A 108 10.66 -7.19 -16.48
N TYR A 109 11.05 -7.84 -17.58
CA TYR A 109 12.45 -8.25 -17.76
C TYR A 109 13.39 -7.05 -17.86
N PHE A 110 12.94 -6.02 -18.56
CA PHE A 110 13.72 -4.79 -18.74
C PHE A 110 14.04 -4.10 -17.41
N SER A 111 13.09 -4.09 -16.49
CA SER A 111 13.34 -3.54 -15.16
C SER A 111 14.47 -4.31 -14.49
N ILE A 112 14.40 -5.64 -14.59
CA ILE A 112 15.40 -6.53 -14.01
C ILE A 112 16.76 -6.25 -14.63
N TYR A 113 16.77 -6.13 -15.96
CA TYR A 113 17.99 -5.80 -16.69
C TYR A 113 18.68 -4.57 -16.13
N LEU A 114 17.94 -3.47 -16.01
CA LEU A 114 18.47 -2.23 -15.42
C LEU A 114 19.02 -2.50 -14.02
N GLY A 115 18.37 -3.40 -13.29
CA GLY A 115 18.84 -3.82 -11.97
C GLY A 115 20.23 -4.39 -12.01
N TYR A 116 20.44 -5.33 -12.94
CA TYR A 116 21.76 -5.95 -13.14
C TYR A 116 22.82 -4.89 -13.47
N ILE A 117 22.47 -3.97 -14.38
CA ILE A 117 23.36 -2.86 -14.74
C ILE A 117 23.78 -2.05 -13.52
N SER A 118 22.86 -1.83 -12.60
CA SER A 118 23.16 -1.11 -11.36
C SER A 118 24.16 -1.84 -10.48
N ILE A 119 23.97 -3.16 -10.37
CA ILE A 119 24.89 -4.02 -9.63
C ILE A 119 26.27 -3.93 -10.28
N ALA A 120 26.31 -4.09 -11.60
CA ALA A 120 27.54 -3.97 -12.36
C ALA A 120 28.23 -2.64 -12.07
N HIS A 121 27.51 -1.54 -12.31
CA HIS A 121 28.05 -0.18 -12.11
C HIS A 121 28.64 0.01 -10.72
N HIS A 122 27.98 -0.54 -9.72
CA HIS A 122 28.44 -0.42 -8.34
C HIS A 122 29.78 -1.14 -8.11
N TYR A 123 29.91 -2.37 -8.62
CA TYR A 123 31.12 -3.17 -8.41
C TYR A 123 32.12 -3.10 -9.55
N ASN A 124 31.99 -2.09 -10.39
CA ASN A 124 32.84 -1.89 -11.57
C ASN A 124 32.97 -3.13 -12.47
N ILE A 125 31.88 -3.88 -12.60
CA ILE A 125 31.83 -4.99 -13.54
C ILE A 125 31.62 -4.46 -14.95
N GLU A 126 32.45 -4.93 -15.88
CA GLU A 126 32.39 -4.48 -17.27
C GLU A 126 31.04 -4.85 -17.90
N VAL A 127 30.37 -3.86 -18.49
CA VAL A 127 29.07 -4.05 -19.13
C VAL A 127 28.99 -3.37 -20.50
N PRO A 128 29.74 -3.90 -21.49
CA PRO A 128 29.85 -3.21 -22.78
C PRO A 128 28.57 -3.26 -23.59
N THR A 129 27.78 -4.32 -23.39
CA THR A 129 26.55 -4.53 -24.16
C THR A 129 25.54 -3.43 -23.83
N PHE A 130 25.63 -2.89 -22.61
CA PHE A 130 24.75 -1.84 -22.13
C PHE A 130 24.93 -0.58 -22.94
N ASN A 131 26.11 0.04 -22.83
CA ASN A 131 26.38 1.32 -23.50
C ASN A 131 26.15 1.28 -25.00
N LYS A 132 26.11 0.07 -25.55
CA LYS A 132 25.94 -0.13 -26.99
C LYS A 132 24.48 -0.24 -27.41
N THR A 133 23.59 -0.45 -26.45
CA THR A 133 22.17 -0.72 -26.77
C THR A 133 21.12 0.15 -26.10
N ILE A 134 21.39 0.68 -24.91
CA ILE A 134 20.33 1.38 -24.13
C ILE A 134 19.51 2.31 -24.99
N THR A 135 20.20 3.11 -25.81
CA THR A 135 19.51 4.10 -26.65
C THR A 135 18.53 3.44 -27.60
N SER A 136 19.00 2.52 -28.44
CA SER A 136 18.10 1.77 -29.34
C SER A 136 17.00 1.04 -28.56
N ASP A 137 17.36 0.51 -27.39
CA ASP A 137 16.41 -0.15 -26.48
C ASP A 137 15.25 0.75 -26.06
N LEU A 138 15.59 1.86 -25.41
CA LEU A 138 14.58 2.84 -24.98
C LEU A 138 13.79 3.37 -26.18
N LYS A 139 14.47 3.61 -27.29
CA LYS A 139 13.79 4.02 -28.52
C LYS A 139 12.82 2.93 -28.98
N HIS A 140 13.23 1.67 -28.85
CA HIS A 140 12.30 0.57 -29.17
C HIS A 140 11.10 0.57 -28.25
N LEU A 141 11.34 0.72 -26.95
CA LEU A 141 10.28 0.55 -25.96
C LEU A 141 9.34 1.72 -25.84
N TYR A 142 9.82 2.93 -26.14
CA TYR A 142 9.07 4.15 -25.81
C TYR A 142 8.65 5.11 -26.92
N ASP A 143 9.29 5.03 -28.09
CA ASP A 143 9.02 5.98 -29.18
C ASP A 143 7.56 6.08 -29.61
N LYS A 144 6.78 5.04 -29.32
CA LYS A 144 5.40 4.96 -29.83
C LYS A 144 4.35 4.71 -28.73
N ARG A 145 4.68 5.10 -27.51
CA ARG A 145 3.79 4.90 -26.36
C ARG A 145 2.82 6.06 -26.16
N THR A 146 1.68 5.77 -25.50
CA THR A 146 0.69 6.81 -25.17
C THR A 146 0.31 6.85 -23.70
N THR A 147 0.11 5.69 -23.07
CA THR A 147 -0.17 5.60 -21.64
C THR A 147 0.89 4.77 -20.91
N PHE A 148 1.06 5.06 -19.62
CA PHE A 148 2.12 4.44 -18.84
C PHE A 148 1.65 3.66 -17.61
N PHE A 149 2.24 2.50 -17.43
CA PHE A 149 1.84 1.56 -16.38
C PHE A 149 2.85 1.55 -15.26
N GLY A 150 2.47 0.96 -14.13
CA GLY A 150 3.33 0.91 -12.94
C GLY A 150 4.76 0.51 -13.26
N ILE A 151 4.89 -0.53 -14.09
CA ILE A 151 6.21 -1.04 -14.48
C ILE A 151 7.05 -0.01 -15.24
N ASP A 152 6.40 0.81 -16.06
CA ASP A 152 7.06 1.90 -16.79
C ASP A 152 7.71 2.86 -15.82
N TYR A 153 6.95 3.31 -14.82
CA TYR A 153 7.48 4.18 -13.75
C TYR A 153 8.56 3.50 -12.93
N GLU A 154 8.46 2.18 -12.79
CA GLU A 154 9.53 1.40 -12.19
C GLU A 154 10.78 1.47 -13.06
N ILE A 155 10.65 1.08 -14.32
CA ILE A 155 11.76 1.11 -15.28
C ILE A 155 12.49 2.46 -15.18
N VAL A 156 11.74 3.54 -15.31
CA VAL A 156 12.31 4.88 -15.33
C VAL A 156 13.01 5.23 -14.02
N SER A 157 12.44 4.81 -12.89
CA SER A 157 13.07 5.00 -11.61
C SER A 157 14.46 4.40 -11.67
N ASN A 158 14.54 3.15 -12.10
CA ASN A 158 15.78 2.41 -12.23
C ASN A 158 16.72 2.95 -13.31
N LEU A 159 16.16 3.28 -14.48
CA LEU A 159 16.90 3.88 -15.60
C LEU A 159 17.72 5.08 -15.16
N LEU A 160 17.15 5.92 -14.29
CA LEU A 160 17.79 7.11 -13.73
C LEU A 160 19.04 6.80 -12.90
N ASN A 161 19.13 5.56 -12.45
CA ASN A 161 20.29 5.14 -11.67
C ASN A 161 21.45 4.65 -12.54
N VAL A 162 21.25 4.57 -13.85
CA VAL A 162 22.27 4.01 -14.76
C VAL A 162 22.52 4.84 -16.02
N LEU A 163 21.70 5.87 -16.23
CA LEU A 163 21.86 6.81 -17.35
C LEU A 163 21.91 8.23 -16.87
N PRO A 164 22.71 9.07 -17.53
CA PRO A 164 22.71 10.49 -17.18
C PRO A 164 21.31 11.09 -17.36
N TYR A 165 20.93 11.96 -16.41
CA TYR A 165 19.61 12.60 -16.43
C TYR A 165 19.18 13.08 -17.82
N GLU A 166 20.11 13.72 -18.52
CA GLU A 166 19.87 14.30 -19.84
C GLU A 166 19.38 13.29 -20.89
N GLU A 167 19.61 12.00 -20.64
CA GLU A 167 19.13 10.96 -21.55
C GLU A 167 17.72 10.47 -21.18
N VAL A 168 17.38 10.57 -19.89
CA VAL A 168 16.12 10.04 -19.37
C VAL A 168 15.01 11.07 -19.40
N SER A 169 15.35 12.33 -19.15
CA SER A 169 14.32 13.37 -18.97
C SER A 169 13.29 13.43 -20.10
N SER A 170 13.73 13.28 -21.35
CA SER A 170 12.80 13.24 -22.47
C SER A 170 11.70 12.16 -22.34
N ILE A 171 12.01 11.07 -21.62
CA ILE A 171 11.04 9.99 -21.36
C ILE A 171 10.11 10.31 -20.19
N ILE A 172 10.64 11.00 -19.17
CA ILE A 172 9.90 11.29 -17.95
C ILE A 172 8.75 12.25 -18.20
N LYS A 173 9.03 13.30 -18.96
CA LYS A 173 8.11 14.42 -19.12
C LYS A 173 6.70 14.03 -19.58
N PRO A 174 6.59 13.11 -20.57
CA PRO A 174 5.28 12.64 -21.02
C PRO A 174 4.51 11.81 -19.99
N MET A 175 5.20 11.26 -18.99
CA MET A 175 4.58 10.37 -18.02
C MET A 175 3.97 11.13 -16.84
N TYR A 176 3.95 12.46 -16.92
CA TYR A 176 3.39 13.29 -15.87
C TYR A 176 2.65 14.47 -16.46
N PRO A 177 1.66 15.02 -15.74
CA PRO A 177 1.24 14.63 -14.39
C PRO A 177 0.38 13.38 -14.34
N ILE A 178 0.32 12.78 -13.15
CA ILE A 178 -0.55 11.65 -12.85
C ILE A 178 -1.95 12.17 -12.63
N VAL A 179 -2.96 11.42 -13.07
CA VAL A 179 -4.35 11.84 -12.88
C VAL A 179 -5.16 10.90 -12.02
N ASP A 180 -4.74 9.64 -11.97
CA ASP A 180 -5.44 8.61 -11.21
C ASP A 180 -4.50 7.60 -10.54
N SER A 181 -5.01 6.87 -9.56
CA SER A 181 -4.25 5.81 -8.89
C SER A 181 -4.71 4.41 -9.33
N PHE A 182 -3.74 3.51 -9.56
CA PHE A 182 -4.05 2.13 -9.97
C PHE A 182 -3.36 1.10 -9.05
N GLY A 183 -3.53 1.33 -7.75
CA GLY A 183 -3.01 0.42 -6.74
C GLY A 183 -1.88 1.04 -5.95
N LYS A 184 -1.52 0.39 -4.84
CA LYS A 184 -0.45 0.86 -3.96
C LYS A 184 0.92 0.72 -4.61
N ASP A 185 1.05 -0.19 -5.58
CA ASP A 185 2.30 -0.40 -6.30
C ASP A 185 2.52 0.65 -7.37
N TYR A 186 1.49 0.89 -8.17
CA TYR A 186 1.47 2.01 -9.10
C TYR A 186 1.79 3.31 -8.36
N ASP A 187 1.18 3.46 -7.19
CA ASP A 187 1.46 4.59 -6.32
C ASP A 187 2.96 4.68 -6.02
N LEU A 188 3.57 3.52 -5.72
CA LEU A 188 4.96 3.48 -5.30
C LEU A 188 5.90 3.97 -6.40
N THR A 189 5.73 3.38 -7.59
CA THR A 189 6.63 3.65 -8.69
C THR A 189 6.53 5.10 -9.19
N ILE A 190 5.31 5.60 -9.37
CA ILE A 190 5.14 7.01 -9.77
C ILE A 190 5.81 7.96 -8.78
N GLN A 191 5.76 7.62 -7.49
CA GLN A 191 6.45 8.38 -6.45
C GLN A 191 7.96 8.23 -6.55
N THR A 192 8.43 7.02 -6.85
CA THR A 192 9.85 6.74 -6.91
C THR A 192 10.57 7.56 -7.99
N VAL A 193 10.03 7.58 -9.21
CA VAL A 193 10.56 8.43 -10.29
C VAL A 193 10.78 9.86 -9.78
N LEU A 194 9.74 10.42 -9.17
CA LEU A 194 9.78 11.79 -8.69
C LEU A 194 10.89 11.98 -7.66
N LYS A 195 10.89 11.11 -6.64
CA LYS A 195 11.90 11.07 -5.60
C LYS A 195 13.30 11.02 -6.23
N ASN A 196 13.52 10.04 -7.11
CA ASN A 196 14.81 9.84 -7.76
C ASN A 196 15.26 11.08 -8.53
N ALA A 197 14.40 11.56 -9.41
CA ALA A 197 14.73 12.71 -10.26
C ALA A 197 14.96 13.98 -9.45
N LEU A 198 14.14 14.20 -8.44
CA LEU A 198 14.32 15.37 -7.58
C LEU A 198 15.70 15.33 -6.92
N THR A 199 16.07 14.14 -6.45
CA THR A 199 17.42 13.90 -5.92
C THR A 199 18.47 14.38 -6.93
N ILE A 200 18.48 13.75 -8.10
CA ILE A 200 19.43 14.04 -9.17
C ILE A 200 19.47 15.52 -9.58
N SER A 201 18.30 16.12 -9.77
CA SER A 201 18.24 17.52 -10.17
C SER A 201 18.87 18.43 -9.12
N ILE A 202 18.69 18.11 -7.84
CA ILE A 202 19.34 18.88 -6.78
C ILE A 202 20.85 18.65 -6.78
N MET A 203 21.25 17.38 -6.75
CA MET A 203 22.67 17.00 -6.87
C MET A 203 23.36 17.82 -7.97
N ASN A 204 22.75 17.83 -9.16
CA ASN A 204 23.33 18.54 -10.32
C ASN A 204 23.02 20.04 -10.40
N ARG A 205 22.25 20.55 -9.45
CA ARG A 205 21.83 21.97 -9.45
C ARG A 205 21.05 22.41 -10.68
N ASN A 206 20.15 21.55 -11.13
CA ASN A 206 19.20 21.91 -12.16
C ASN A 206 17.92 22.32 -11.48
N LEU A 207 17.99 23.40 -10.73
CA LEU A 207 16.93 23.82 -9.84
C LEU A 207 15.56 24.03 -10.53
N LYS A 208 15.56 24.44 -11.79
CA LYS A 208 14.33 24.57 -12.53
C LYS A 208 13.62 23.21 -12.64
N GLU A 209 14.35 22.18 -13.06
CA GLU A 209 13.82 20.82 -13.14
C GLU A 209 13.43 20.34 -11.75
N ALA A 210 14.30 20.57 -10.78
CA ALA A 210 14.07 20.13 -9.40
C ALA A 210 12.72 20.60 -8.85
N GLN A 211 12.33 21.82 -9.19
CA GLN A 211 11.06 22.34 -8.76
C GLN A 211 9.90 21.59 -9.40
N TYR A 212 10.03 21.33 -10.71
CA TYR A 212 9.06 20.53 -11.45
C TYR A 212 8.72 19.27 -10.68
N TYR A 213 9.75 18.61 -10.16
CA TYR A 213 9.55 17.34 -9.46
C TYR A 213 8.85 17.51 -8.13
N ILE A 214 9.26 18.54 -7.37
CA ILE A 214 8.56 18.90 -6.14
C ILE A 214 7.08 19.12 -6.43
N ASN A 215 6.79 19.92 -7.45
CA ASN A 215 5.42 20.29 -7.77
C ASN A 215 4.58 19.10 -8.18
N GLN A 216 5.20 18.20 -8.94
CA GLN A 216 4.58 16.94 -9.36
C GLN A 216 4.18 16.07 -8.16
N PHE A 217 5.04 16.06 -7.15
CA PHE A 217 4.80 15.26 -5.98
C PHE A 217 3.66 15.85 -5.17
N GLU A 218 3.61 17.18 -5.10
CA GLU A 218 2.52 17.86 -4.39
C GLU A 218 1.19 17.55 -5.05
N HIS A 219 1.19 17.58 -6.39
CA HIS A 219 0.01 17.20 -7.15
C HIS A 219 -0.48 15.78 -6.78
N LEU A 220 0.45 14.83 -6.65
CA LEU A 220 0.08 13.48 -6.25
C LEU A 220 -0.81 13.52 -5.02
N LYS A 221 -0.45 14.36 -4.06
CA LYS A 221 -1.18 14.42 -2.81
C LYS A 221 -2.64 14.80 -3.00
N THR A 222 -2.97 15.41 -4.13
CA THR A 222 -4.35 15.80 -4.44
C THR A 222 -5.18 14.69 -5.08
N ILE A 223 -4.54 13.64 -5.58
CA ILE A 223 -5.27 12.54 -6.22
C ILE A 223 -6.09 11.76 -5.18
N LYS A 224 -7.36 11.54 -5.50
CA LYS A 224 -8.25 10.73 -4.68
C LYS A 224 -7.83 9.27 -4.81
N ASN A 225 -7.67 8.59 -3.67
CA ASN A 225 -7.30 7.17 -3.62
C ASN A 225 -5.80 6.91 -3.65
N ILE A 226 -5.01 7.93 -3.94
CA ILE A 226 -3.57 7.76 -4.04
C ILE A 226 -2.96 7.51 -2.67
N SER A 227 -2.04 6.55 -2.64
CA SER A 227 -1.46 6.11 -1.39
C SER A 227 -0.02 6.64 -1.24
N ILE A 228 0.10 7.88 -0.77
CA ILE A 228 1.39 8.52 -0.58
C ILE A 228 2.24 7.70 0.39
N ASN A 229 3.51 7.54 0.03
CA ASN A 229 4.44 6.85 0.90
C ASN A 229 5.01 7.76 2.00
N GLY A 230 4.79 7.40 3.26
CA GLY A 230 5.25 8.20 4.40
C GLY A 230 6.73 8.53 4.39
N TYR A 231 7.56 7.52 4.16
CA TYR A 231 9.00 7.69 4.16
C TYR A 231 9.46 8.55 2.97
N TYR A 232 8.76 8.39 1.84
CA TYR A 232 8.99 9.20 0.65
C TYR A 232 8.64 10.65 0.95
N ASP A 233 7.46 10.86 1.55
CA ASP A 233 7.01 12.20 1.87
C ASP A 233 8.03 12.96 2.71
N LEU A 234 8.73 12.23 3.59
CA LEU A 234 9.80 12.79 4.42
C LEU A 234 11.05 13.07 3.63
N GLU A 235 11.47 12.13 2.80
CA GLU A 235 12.69 12.28 2.03
C GLU A 235 12.56 13.42 1.02
N ILE A 236 11.41 13.50 0.36
CA ILE A 236 11.20 14.52 -0.66
C ILE A 236 11.09 15.92 -0.05
N ASN A 237 10.46 16.00 1.11
CA ASN A 237 10.39 17.25 1.85
C ASN A 237 11.78 17.75 2.28
N TYR A 238 12.67 16.83 2.67
CA TYR A 238 14.07 17.18 2.92
C TYR A 238 14.70 17.76 1.66
N LEU A 239 14.49 17.10 0.52
CA LEU A 239 15.01 17.59 -0.75
C LEU A 239 14.39 18.93 -1.10
N LYS A 240 13.08 19.07 -0.86
CA LYS A 240 12.36 20.33 -1.04
C LYS A 240 12.97 21.41 -0.17
N GLN A 241 13.24 21.02 1.08
CA GLN A 241 13.84 21.91 2.05
C GLN A 241 15.22 22.39 1.62
N ILE A 242 16.01 21.48 1.04
CA ILE A 242 17.32 21.82 0.47
C ILE A 242 17.19 22.73 -0.76
N TYR A 243 16.18 22.46 -1.59
CA TYR A 243 15.87 23.31 -2.74
C TYR A 243 15.65 24.74 -2.30
N GLN A 244 14.86 24.92 -1.24
CA GLN A 244 14.61 26.24 -0.67
C GLN A 244 15.87 26.92 -0.11
N PHE A 245 16.85 26.11 0.28
CA PHE A 245 18.10 26.63 0.83
C PHE A 245 19.01 27.06 -0.30
N LEU A 246 18.90 26.37 -1.43
CA LEU A 246 19.75 26.68 -2.55
C LEU A 246 19.24 27.90 -3.29
N THR A 247 17.93 28.12 -3.28
CA THR A 247 17.34 29.19 -4.06
C THR A 247 17.24 30.48 -3.28
N ASP A 248 16.80 30.40 -2.02
CA ASP A 248 16.59 31.60 -1.19
C ASP A 248 17.72 31.83 -0.19
N LYS A 249 18.71 30.93 -0.22
CA LYS A 249 19.90 31.00 0.64
C LYS A 249 19.64 31.29 2.13
N ASN A 250 18.39 31.12 2.57
CA ASN A 250 18.07 31.30 3.98
C ASN A 250 18.33 30.02 4.77
N ILE A 251 19.00 30.18 5.91
CA ILE A 251 19.60 29.07 6.65
C ILE A 251 18.59 28.19 7.37
N ASP A 252 17.40 28.75 7.67
CA ASP A 252 16.34 28.01 8.36
C ASP A 252 15.97 26.72 7.63
N SER A 253 15.86 26.82 6.29
CA SER A 253 15.51 25.66 5.48
C SER A 253 16.55 24.55 5.57
N TYR A 254 17.85 24.92 5.57
CA TYR A 254 18.89 23.92 5.79
C TYR A 254 18.64 23.13 7.08
N LEU A 255 18.44 23.85 8.19
CA LEU A 255 18.16 23.23 9.49
C LEU A 255 16.97 22.29 9.45
N ASN A 256 15.88 22.72 8.80
CA ASN A 256 14.72 21.85 8.62
C ASN A 256 15.15 20.56 7.94
N ALA A 257 15.88 20.69 6.82
CA ALA A 257 16.39 19.53 6.10
C ALA A 257 17.12 18.59 7.04
N VAL A 258 17.95 19.15 7.92
CA VAL A 258 18.70 18.35 8.87
C VAL A 258 17.74 17.69 9.85
N ASN A 259 16.83 18.48 10.42
CA ASN A 259 15.86 17.99 11.39
C ASN A 259 14.99 16.86 10.85
N ILE A 260 14.66 16.91 9.56
CA ILE A 260 13.94 15.82 8.88
C ILE A 260 14.78 14.54 8.86
N ILE A 261 16.03 14.67 8.38
CA ILE A 261 16.94 13.54 8.26
C ILE A 261 17.12 12.86 9.60
N ASN A 262 17.39 13.65 10.63
CA ASN A 262 17.51 13.14 12.00
C ASN A 262 16.33 12.26 12.40
N ILE A 263 15.12 12.69 12.02
CA ILE A 263 13.91 11.98 12.45
C ILE A 263 13.96 10.53 12.00
N PHE A 264 14.62 10.30 10.85
CA PHE A 264 14.89 8.94 10.36
C PHE A 264 15.66 8.11 11.38
N LYS A 265 16.70 8.68 11.99
CA LYS A 265 17.44 8.03 13.09
C LYS A 265 16.52 7.75 14.28
N ILE A 266 15.83 8.80 14.73
CA ILE A 266 14.95 8.73 15.88
C ILE A 266 13.86 7.65 15.76
N ILE A 267 13.53 7.26 14.52
CA ILE A 267 12.53 6.19 14.31
C ILE A 267 13.14 4.89 13.79
N GLY A 268 14.45 4.77 13.96
CA GLY A 268 15.15 3.52 13.75
C GLY A 268 15.46 3.11 12.33
N LYS A 269 15.26 4.01 11.36
CA LYS A 269 15.65 3.71 9.98
C LYS A 269 17.13 4.01 9.81
N GLU A 270 17.94 3.23 10.52
CA GLU A 270 19.35 3.48 10.74
C GLU A 270 20.13 3.66 9.44
N ASP A 271 20.08 2.67 8.56
CA ASP A 271 20.82 2.70 7.31
C ASP A 271 20.34 3.78 6.32
N ILE A 272 19.03 4.07 6.34
CA ILE A 272 18.48 5.14 5.49
C ILE A 272 18.99 6.49 6.01
N HIS A 273 19.06 6.65 7.33
CA HIS A 273 19.62 7.85 7.95
C HIS A 273 21.08 8.07 7.56
N ARG A 274 21.88 7.00 7.59
CA ARG A 274 23.29 7.03 7.13
C ARG A 274 23.38 7.49 5.68
N SER A 275 22.65 6.81 4.79
CA SER A 275 22.59 7.17 3.36
C SER A 275 22.23 8.64 3.12
N LEU A 276 21.35 9.19 3.95
CA LEU A 276 20.92 10.57 3.80
C LEU A 276 22.01 11.53 4.25
N VAL A 277 22.66 11.20 5.37
CA VAL A 277 23.70 12.05 5.92
C VAL A 277 24.85 12.20 4.93
N GLU A 278 25.20 11.10 4.26
CA GLU A 278 26.22 11.11 3.20
C GLU A 278 25.78 12.00 2.05
N GLU A 279 24.52 11.84 1.65
CA GLU A 279 23.97 12.61 0.54
C GLU A 279 23.90 14.10 0.83
N LEU A 280 23.58 14.47 2.07
CA LEU A 280 23.53 15.88 2.42
C LEU A 280 24.95 16.47 2.34
N THR A 281 25.94 15.83 2.97
CA THR A 281 27.32 16.30 2.85
C THR A 281 27.70 16.42 1.37
N LYS A 282 27.38 15.40 0.58
CA LYS A 282 27.61 15.43 -0.87
C LYS A 282 26.95 16.64 -1.57
N ILE A 283 25.66 16.87 -1.32
CA ILE A 283 24.96 18.04 -1.86
C ILE A 283 25.74 19.35 -1.64
N SER A 284 26.24 19.57 -0.42
CA SER A 284 26.98 20.78 -0.06
C SER A 284 28.40 20.81 -0.66
N ALA A 285 28.48 20.40 -1.93
CA ALA A 285 29.70 20.39 -2.72
C ALA A 285 29.30 20.18 -4.19
N LYS A 286 29.28 18.92 -4.63
CA LYS A 286 28.93 18.59 -6.02
C LYS A 286 28.43 17.13 -6.24
N GLU A 287 27.96 16.87 -7.46
CA GLU A 287 27.76 15.51 -8.00
C GLU A 287 27.47 15.64 -9.51
N MET B 1 -18.65 -7.92 -12.79
CA MET B 1 -19.29 -6.75 -13.47
C MET B 1 -18.26 -5.69 -13.90
N PHE B 2 -17.09 -6.16 -14.34
CA PHE B 2 -15.98 -5.26 -14.70
C PHE B 2 -15.43 -5.60 -16.07
N LYS B 3 -15.08 -4.58 -16.84
CA LYS B 3 -14.59 -4.79 -18.19
C LYS B 3 -13.08 -5.05 -18.17
N ILE B 4 -12.71 -6.27 -17.78
CA ILE B 4 -11.31 -6.67 -17.69
C ILE B 4 -10.75 -6.93 -19.07
N GLY B 5 -11.54 -7.57 -19.92
CA GLY B 5 -11.17 -7.82 -21.32
C GLY B 5 -10.79 -6.55 -22.06
N SER B 6 -11.62 -5.51 -21.93
CA SER B 6 -11.34 -4.21 -22.52
C SER B 6 -9.95 -3.68 -22.08
N VAL B 7 -9.66 -3.78 -20.79
CA VAL B 7 -8.35 -3.37 -20.25
C VAL B 7 -7.18 -4.22 -20.80
N LEU B 8 -7.42 -5.51 -20.95
CA LEU B 8 -6.45 -6.39 -21.56
C LEU B 8 -6.22 -5.93 -22.99
N LYS B 9 -7.30 -5.71 -23.73
CA LYS B 9 -7.24 -5.18 -25.09
C LYS B 9 -6.47 -3.87 -25.15
N GLN B 10 -6.82 -2.97 -24.23
CA GLN B 10 -6.21 -1.65 -24.14
C GLN B 10 -4.70 -1.75 -23.93
N ILE B 11 -4.29 -2.59 -22.97
CA ILE B 11 -2.87 -2.77 -22.69
C ILE B 11 -2.15 -3.48 -23.84
N ARG B 12 -2.80 -4.52 -24.37
CA ARG B 12 -2.25 -5.31 -25.47
C ARG B 12 -1.84 -4.40 -26.63
N GLN B 13 -2.80 -3.60 -27.08
CA GLN B 13 -2.61 -2.67 -28.20
C GLN B 13 -1.59 -1.58 -27.89
N GLU B 14 -1.54 -1.15 -26.64
CA GLU B 14 -0.58 -0.15 -26.20
C GLU B 14 0.86 -0.68 -26.21
N LEU B 15 1.01 -2.00 -26.07
CA LEU B 15 2.32 -2.64 -26.09
C LEU B 15 2.63 -3.28 -27.43
N ASN B 16 1.75 -3.06 -28.40
CA ASN B 16 1.85 -3.63 -29.75
C ASN B 16 2.01 -5.16 -29.79
N TYR B 17 1.37 -5.84 -28.85
CA TYR B 17 1.26 -7.31 -28.88
C TYR B 17 0.03 -7.71 -29.70
N HIS B 18 0.14 -8.85 -30.39
CA HIS B 18 -0.95 -9.35 -31.22
C HIS B 18 -1.76 -10.34 -30.42
N GLN B 19 -3.07 -10.38 -30.67
CA GLN B 19 -3.95 -11.31 -29.98
C GLN B 19 -3.27 -12.67 -29.73
N ILE B 20 -2.62 -13.22 -30.78
CA ILE B 20 -1.87 -14.49 -30.71
C ILE B 20 -0.98 -14.61 -29.48
N ASP B 21 -0.14 -13.61 -29.29
CA ASP B 21 0.80 -13.52 -28.16
C ASP B 21 0.14 -13.77 -26.81
N LEU B 22 -1.17 -13.53 -26.73
CA LEU B 22 -1.90 -13.63 -25.47
C LEU B 22 -2.61 -14.97 -25.27
N TYR B 23 -3.44 -15.37 -26.23
CA TYR B 23 -4.28 -16.54 -26.04
C TYR B 23 -3.60 -17.89 -26.26
N SER B 24 -2.54 -17.91 -27.06
CA SER B 24 -1.81 -19.17 -27.41
C SER B 24 -1.29 -19.99 -26.20
N GLY B 25 -1.66 -21.27 -26.16
CA GLY B 25 -1.33 -22.13 -25.02
C GLY B 25 -2.17 -21.83 -23.79
N ILE B 26 -3.31 -21.19 -23.99
CA ILE B 26 -4.21 -20.80 -22.91
C ILE B 26 -5.66 -21.03 -23.33
N MET B 27 -6.04 -20.51 -24.49
CA MET B 27 -7.40 -20.65 -25.01
C MET B 27 -7.44 -20.51 -26.53
N SER B 28 -8.62 -20.72 -27.13
CA SER B 28 -8.77 -20.55 -28.57
C SER B 28 -8.93 -19.08 -28.90
N LYS B 29 -8.67 -18.73 -30.16
CA LYS B 29 -8.78 -17.37 -30.67
C LYS B 29 -10.18 -16.82 -30.42
N SER B 30 -11.18 -17.52 -30.95
CA SER B 30 -12.58 -17.12 -30.84
C SER B 30 -12.98 -16.89 -29.38
N VAL B 31 -12.41 -17.68 -28.48
CA VAL B 31 -12.65 -17.54 -27.06
C VAL B 31 -12.01 -16.25 -26.52
N TYR B 32 -10.75 -16.02 -26.86
CA TYR B 32 -10.02 -14.82 -26.44
C TYR B 32 -10.66 -13.53 -26.94
N ILE B 33 -11.13 -13.57 -28.18
CA ILE B 33 -11.87 -12.44 -28.77
C ILE B 33 -13.10 -12.13 -27.90
N LYS B 34 -13.69 -13.17 -27.33
CA LYS B 34 -14.83 -13.03 -26.43
C LYS B 34 -14.41 -12.40 -25.10
N VAL B 35 -13.16 -12.66 -24.70
CA VAL B 35 -12.63 -12.07 -23.46
C VAL B 35 -12.51 -10.57 -23.61
N GLU B 36 -11.80 -10.13 -24.66
CA GLU B 36 -11.61 -8.71 -24.93
C GLU B 36 -12.92 -8.00 -25.28
N ALA B 37 -13.90 -8.76 -25.77
CA ALA B 37 -15.24 -8.21 -26.00
C ALA B 37 -16.02 -8.07 -24.70
N ASP B 38 -15.49 -8.65 -23.63
CA ASP B 38 -16.15 -8.72 -22.31
C ASP B 38 -17.52 -9.41 -22.37
N SER B 39 -17.59 -10.49 -23.15
CA SER B 39 -18.81 -11.28 -23.23
C SER B 39 -18.67 -12.59 -22.46
N ARG B 40 -17.43 -13.10 -22.44
CA ARG B 40 -17.07 -14.27 -21.66
C ARG B 40 -16.32 -13.82 -20.40
N PRO B 41 -16.81 -14.21 -19.20
CA PRO B 41 -16.07 -13.95 -17.97
C PRO B 41 -14.73 -14.70 -17.91
N ILE B 42 -13.73 -14.03 -17.33
CA ILE B 42 -12.36 -14.53 -17.25
C ILE B 42 -12.03 -15.08 -15.86
N SER B 43 -11.29 -16.19 -15.83
CA SER B 43 -10.88 -16.83 -14.57
C SER B 43 -9.68 -16.10 -13.95
N VAL B 44 -9.52 -16.23 -12.65
CA VAL B 44 -8.38 -15.62 -11.96
C VAL B 44 -7.09 -16.18 -12.55
N GLU B 45 -7.04 -17.50 -12.68
CA GLU B 45 -5.91 -18.22 -13.26
C GLU B 45 -5.58 -17.64 -14.64
N GLU B 46 -6.63 -17.41 -15.45
CA GLU B 46 -6.49 -16.87 -16.80
C GLU B 46 -5.86 -15.48 -16.79
N LEU B 47 -6.43 -14.59 -15.98
CA LEU B 47 -5.97 -13.22 -15.86
C LEU B 47 -4.52 -13.15 -15.37
N SER B 48 -4.19 -14.02 -14.40
CA SER B 48 -2.81 -14.15 -13.93
C SER B 48 -1.87 -14.49 -15.08
N LYS B 49 -2.30 -15.39 -15.96
CA LYS B 49 -1.49 -15.82 -17.09
C LYS B 49 -1.31 -14.71 -18.12
N PHE B 50 -2.36 -13.92 -18.32
CA PHE B 50 -2.29 -12.79 -19.24
C PHE B 50 -1.42 -11.66 -18.68
N SER B 51 -1.49 -11.43 -17.37
CA SER B 51 -0.62 -10.46 -16.71
C SER B 51 0.86 -10.77 -16.90
N GLU B 52 1.21 -12.06 -16.98
CA GLU B 52 2.58 -12.48 -17.24
C GLU B 52 2.95 -12.12 -18.67
N ARG B 53 2.06 -12.45 -19.60
CA ARG B 53 2.28 -12.22 -21.03
C ARG B 53 2.55 -10.74 -21.36
N LEU B 54 1.81 -9.84 -20.70
CA LEU B 54 1.95 -8.40 -20.94
C LEU B 54 3.10 -7.77 -20.17
N GLY B 55 3.35 -8.25 -18.96
CA GLY B 55 4.40 -7.72 -18.11
C GLY B 55 3.89 -6.56 -17.30
N VAL B 56 2.57 -6.48 -17.20
CA VAL B 56 1.93 -5.46 -16.38
C VAL B 56 1.25 -6.14 -15.19
N ASN B 57 1.53 -5.58 -14.00
CA ASN B 57 1.03 -6.09 -12.71
C ASN B 57 -0.44 -6.58 -12.70
N PHE B 58 -0.63 -7.79 -12.19
CA PHE B 58 -1.95 -8.42 -12.08
C PHE B 58 -2.96 -7.51 -11.34
N PHE B 59 -2.54 -6.96 -10.21
CA PHE B 59 -3.41 -6.13 -9.37
C PHE B 59 -3.67 -4.78 -10.01
N GLU B 60 -2.68 -4.25 -10.73
CA GLU B 60 -2.87 -3.01 -11.47
C GLU B 60 -3.93 -3.25 -12.53
N ILE B 61 -3.78 -4.31 -13.31
CA ILE B 61 -4.78 -4.65 -14.31
C ILE B 61 -6.18 -4.64 -13.68
N LEU B 62 -6.32 -5.26 -12.51
CA LEU B 62 -7.60 -5.26 -11.78
C LEU B 62 -8.07 -3.83 -11.47
N ASN B 63 -7.19 -3.01 -10.90
CA ASN B 63 -7.54 -1.63 -10.58
C ASN B 63 -8.03 -0.87 -11.81
N ARG B 64 -7.31 -1.03 -12.92
CA ARG B 64 -7.70 -0.42 -14.17
C ARG B 64 -9.06 -0.94 -14.65
N ALA B 65 -9.39 -2.18 -14.28
CA ALA B 65 -10.68 -2.76 -14.62
C ALA B 65 -11.82 -2.22 -13.76
N GLY B 66 -11.49 -1.56 -12.66
CA GLY B 66 -12.48 -0.95 -11.79
C GLY B 66 -12.61 -1.51 -10.38
N MET B 67 -11.55 -2.14 -9.87
CA MET B 67 -11.56 -2.65 -8.50
C MET B 67 -10.93 -1.66 -7.52
N ASN B 68 -10.19 -0.68 -8.07
CA ASN B 68 -9.49 0.34 -7.26
C ASN B 68 -10.41 1.23 -6.43
N THR B 69 -11.59 1.53 -6.96
CA THR B 69 -12.58 2.26 -6.18
C THR B 69 -13.31 1.31 -5.24
N LYS B 70 -14.13 1.91 -4.37
CA LYS B 70 -14.83 1.19 -3.31
C LYS B 70 -16.30 1.01 -3.68
N SER B 71 -16.78 1.86 -4.59
CA SER B 71 -18.17 1.88 -5.01
C SER B 71 -18.57 0.64 -5.83
N VAL B 72 -17.69 -0.36 -5.83
CA VAL B 72 -17.91 -1.61 -6.57
C VAL B 72 -19.08 -2.42 -6.01
N ASN B 73 -19.33 -2.27 -4.70
CA ASN B 73 -20.41 -2.98 -4.02
C ASN B 73 -21.10 -2.12 -2.96
N GLU B 74 -22.21 -2.63 -2.41
CA GLU B 74 -23.01 -1.89 -1.43
C GLU B 74 -22.14 -1.33 -0.32
N THR B 75 -21.37 -2.22 0.29
CA THR B 75 -20.57 -1.95 1.47
C THR B 75 -19.69 -0.71 1.33
N GLY B 76 -18.96 -0.63 0.22
CA GLY B 76 -18.07 0.49 -0.05
C GLY B 76 -18.79 1.83 -0.11
N LYS B 77 -19.89 1.90 -0.87
CA LYS B 77 -20.70 3.13 -0.93
C LYS B 77 -20.97 3.61 0.49
N GLU B 78 -21.46 2.68 1.32
CA GLU B 78 -21.82 2.96 2.70
C GLU B 78 -20.65 3.48 3.52
N LYS B 79 -19.44 2.99 3.22
CA LYS B 79 -18.22 3.42 3.90
C LYS B 79 -17.78 4.80 3.45
N LEU B 80 -18.04 5.11 2.19
CA LEU B 80 -17.78 6.45 1.68
C LEU B 80 -18.77 7.42 2.29
N LEU B 81 -19.99 6.94 2.50
CA LEU B 81 -21.07 7.77 3.05
C LEU B 81 -20.75 8.26 4.47
N ILE B 82 -19.93 7.51 5.21
CA ILE B 82 -19.55 7.91 6.57
C ILE B 82 -18.99 9.35 6.59
N SER B 83 -18.13 9.68 5.62
CA SER B 83 -17.53 11.02 5.54
C SER B 83 -18.59 12.11 5.37
N LYS B 84 -19.46 11.93 4.37
CA LYS B 84 -20.62 12.78 4.13
C LYS B 84 -21.31 13.09 5.45
N ILE B 85 -21.66 12.02 6.18
CA ILE B 85 -22.41 12.14 7.42
C ILE B 85 -21.59 12.79 8.53
N PHE B 86 -20.31 12.46 8.62
CA PHE B 86 -19.49 13.05 9.67
C PHE B 86 -19.55 14.58 9.55
N THR B 87 -19.45 15.08 8.33
CA THR B 87 -19.44 16.52 8.11
C THR B 87 -20.85 17.12 8.15
N ASN B 88 -21.82 16.37 7.63
CA ASN B 88 -23.22 16.81 7.56
C ASN B 88 -24.17 15.97 8.42
N PRO B 89 -24.14 16.17 9.75
CA PRO B 89 -24.77 15.28 10.72
C PRO B 89 -26.29 15.21 10.63
N ASP B 90 -26.92 16.26 10.11
CA ASP B 90 -28.39 16.28 9.97
C ASP B 90 -28.90 15.09 9.17
N LEU B 91 -28.00 14.46 8.42
CA LEU B 91 -28.32 13.30 7.61
C LEU B 91 -28.11 11.98 8.37
N PHE B 92 -27.78 12.08 9.66
CA PHE B 92 -27.57 10.89 10.51
C PHE B 92 -28.81 10.00 10.60
N ASP B 93 -29.85 10.52 11.27
CA ASP B 93 -31.03 9.73 11.61
C ASP B 93 -31.47 8.83 10.48
N LYS B 94 -31.69 9.43 9.31
CA LYS B 94 -32.22 8.76 8.13
C LYS B 94 -31.39 7.53 7.77
N ASN B 95 -30.08 7.69 7.77
CA ASN B 95 -29.16 6.62 7.36
C ASN B 95 -28.92 5.54 8.42
N PHE B 96 -28.62 5.96 9.64
CA PHE B 96 -28.42 5.03 10.76
C PHE B 96 -29.58 4.06 10.93
N GLN B 97 -30.79 4.53 10.61
CA GLN B 97 -31.98 3.68 10.62
C GLN B 97 -31.89 2.53 9.62
N ARG B 98 -31.22 2.76 8.50
CA ARG B 98 -31.05 1.73 7.47
C ARG B 98 -29.85 0.82 7.80
N ILE B 99 -28.80 1.40 8.38
CA ILE B 99 -27.61 0.64 8.72
C ILE B 99 -27.77 -0.23 9.96
N GLU B 100 -28.29 0.37 11.04
CA GLU B 100 -28.36 -0.30 12.35
C GLU B 100 -28.79 -1.76 12.32
N PRO B 101 -29.98 -2.08 11.75
CA PRO B 101 -30.37 -3.51 11.70
C PRO B 101 -29.52 -4.44 10.84
N LYS B 102 -28.73 -3.89 9.92
CA LYS B 102 -27.90 -4.70 9.03
C LYS B 102 -26.54 -5.02 9.66
N ARG B 103 -26.29 -4.45 10.84
CA ARG B 103 -24.97 -4.42 11.46
C ARG B 103 -24.32 -5.78 11.70
N LEU B 104 -25.12 -6.83 11.86
CA LEU B 104 -24.56 -8.16 12.11
C LEU B 104 -24.62 -9.07 10.89
N THR B 105 -24.80 -8.50 9.70
CA THR B 105 -24.91 -9.31 8.49
C THR B 105 -23.53 -9.74 7.98
N SER B 106 -22.66 -8.77 7.74
CA SER B 106 -21.26 -9.04 7.38
C SER B 106 -20.38 -8.22 8.31
N LEU B 107 -19.15 -8.70 8.51
CA LEU B 107 -18.14 -7.95 9.27
C LEU B 107 -17.96 -6.53 8.72
N GLN B 108 -18.22 -6.38 7.43
CA GLN B 108 -18.17 -5.09 6.75
C GLN B 108 -19.24 -4.12 7.21
N TYR B 109 -20.48 -4.59 7.35
CA TYR B 109 -21.56 -3.74 7.89
C TYR B 109 -21.31 -3.35 9.35
N PHE B 110 -20.78 -4.28 10.13
CA PHE B 110 -20.45 -4.01 11.52
C PHE B 110 -19.40 -2.88 11.68
N SER B 111 -18.43 -2.84 10.78
CA SER B 111 -17.43 -1.78 10.74
C SER B 111 -18.13 -0.45 10.58
N ILE B 112 -19.00 -0.40 9.57
CA ILE B 112 -19.83 0.77 9.22
C ILE B 112 -20.63 1.22 10.45
N TYR B 113 -21.27 0.25 11.09
CA TYR B 113 -22.07 0.48 12.28
C TYR B 113 -21.30 1.27 13.33
N LEU B 114 -20.14 0.75 13.72
CA LEU B 114 -19.27 1.41 14.68
C LEU B 114 -18.93 2.82 14.25
N GLY B 115 -18.84 3.02 12.93
CA GLY B 115 -18.60 4.33 12.33
C GLY B 115 -19.71 5.30 12.68
N TYR B 116 -20.96 4.87 12.49
CA TYR B 116 -22.12 5.69 12.85
C TYR B 116 -22.11 6.04 14.34
N ILE B 117 -21.83 5.04 15.17
CA ILE B 117 -21.72 5.21 16.61
C ILE B 117 -20.70 6.29 16.96
N SER B 118 -19.59 6.33 16.23
CA SER B 118 -18.59 7.38 16.44
C SER B 118 -19.10 8.78 16.05
N ILE B 119 -19.80 8.86 14.92
CA ILE B 119 -20.45 10.12 14.53
C ILE B 119 -21.39 10.58 15.65
N ALA B 120 -22.26 9.67 16.08
CA ALA B 120 -23.22 9.94 17.13
C ALA B 120 -22.52 10.45 18.38
N HIS B 121 -21.53 9.69 18.85
CA HIS B 121 -20.79 10.04 20.06
C HIS B 121 -20.21 11.44 19.97
N HIS B 122 -19.68 11.77 18.79
CA HIS B 122 -19.09 13.08 18.55
C HIS B 122 -20.09 14.23 18.70
N TYR B 123 -21.27 14.06 18.09
CA TYR B 123 -22.28 15.12 18.07
C TYR B 123 -23.33 14.98 19.16
N ASN B 124 -23.04 14.15 20.17
CA ASN B 124 -24.00 13.84 21.25
C ASN B 124 -25.41 13.46 20.76
N ILE B 125 -25.47 12.73 19.65
CA ILE B 125 -26.70 12.11 19.17
C ILE B 125 -27.01 10.85 19.99
N GLU B 126 -28.22 10.78 20.54
CA GLU B 126 -28.64 9.66 21.38
C GLU B 126 -28.59 8.34 20.59
N VAL B 127 -27.88 7.35 21.14
CA VAL B 127 -27.84 5.99 20.55
C VAL B 127 -28.07 4.88 21.59
N PRO B 128 -29.33 4.73 22.04
CA PRO B 128 -29.63 3.81 23.13
C PRO B 128 -29.48 2.35 22.71
N THR B 129 -29.68 2.07 21.43
CA THR B 129 -29.61 0.71 20.90
C THR B 129 -28.18 0.18 21.00
N PHE B 130 -27.20 1.10 20.97
CA PHE B 130 -25.80 0.74 21.07
C PHE B 130 -25.49 0.13 22.44
N ASN B 131 -25.57 0.95 23.49
CA ASN B 131 -25.28 0.51 24.85
C ASN B 131 -25.99 -0.79 25.24
N LYS B 132 -27.10 -1.08 24.56
CA LYS B 132 -27.95 -2.22 24.91
C LYS B 132 -27.57 -3.50 24.16
N THR B 133 -26.73 -3.37 23.14
CA THR B 133 -26.41 -4.53 22.30
C THR B 133 -24.92 -4.88 22.17
N ILE B 134 -24.03 -3.89 22.21
CA ILE B 134 -22.61 -4.13 21.84
C ILE B 134 -22.07 -5.39 22.44
N THR B 135 -22.36 -5.61 23.72
CA THR B 135 -21.80 -6.79 24.38
C THR B 135 -22.29 -8.07 23.72
N SER B 136 -23.60 -8.27 23.62
CA SER B 136 -24.12 -9.46 22.94
C SER B 136 -23.61 -9.54 21.50
N ASP B 137 -23.47 -8.37 20.86
CA ASP B 137 -22.98 -8.28 19.47
C ASP B 137 -21.59 -8.85 19.35
N LEU B 138 -20.66 -8.33 20.15
CA LEU B 138 -19.27 -8.78 20.13
C LEU B 138 -19.17 -10.22 20.57
N LYS B 139 -19.96 -10.60 21.56
CA LYS B 139 -20.05 -11.99 22.00
C LYS B 139 -20.52 -12.86 20.84
N HIS B 140 -21.46 -12.35 20.06
CA HIS B 140 -21.94 -13.08 18.89
C HIS B 140 -20.85 -13.22 17.83
N LEU B 141 -20.14 -12.13 17.58
CA LEU B 141 -19.18 -12.09 16.47
C LEU B 141 -17.88 -12.79 16.76
N TYR B 142 -17.48 -12.84 18.04
CA TYR B 142 -16.12 -13.23 18.38
C TYR B 142 -15.89 -14.42 19.32
N ASP B 143 -16.91 -14.83 20.06
CA ASP B 143 -16.73 -15.89 21.07
C ASP B 143 -16.20 -17.21 20.51
N LYS B 144 -16.37 -17.42 19.20
CA LYS B 144 -16.03 -18.70 18.56
C LYS B 144 -15.04 -18.58 17.38
N ARG B 145 -14.26 -17.50 17.39
CA ARG B 145 -13.33 -17.20 16.31
C ARG B 145 -11.94 -17.81 16.55
N THR B 146 -11.21 -18.11 15.47
CA THR B 146 -9.86 -18.66 15.59
C THR B 146 -8.79 -17.86 14.82
N THR B 147 -9.10 -17.42 13.60
CA THR B 147 -8.19 -16.53 12.85
C THR B 147 -8.87 -15.23 12.50
N PHE B 148 -8.07 -14.20 12.26
CA PHE B 148 -8.63 -12.88 12.06
C PHE B 148 -8.22 -12.24 10.74
N PHE B 149 -9.18 -11.53 10.15
CA PHE B 149 -9.03 -10.97 8.82
C PHE B 149 -8.90 -9.44 8.89
N GLY B 150 -8.45 -8.83 7.80
CA GLY B 150 -8.26 -7.39 7.76
C GLY B 150 -9.42 -6.60 8.34
N ILE B 151 -10.63 -7.02 7.99
CA ILE B 151 -11.84 -6.37 8.45
C ILE B 151 -12.01 -6.44 9.98
N ASP B 152 -11.62 -7.57 10.56
CA ASP B 152 -11.63 -7.76 12.01
C ASP B 152 -10.78 -6.71 12.73
N TYR B 153 -9.56 -6.51 12.23
CA TYR B 153 -8.64 -5.52 12.78
C TYR B 153 -9.20 -4.11 12.58
N GLU B 154 -9.89 -3.93 11.45
CA GLU B 154 -10.61 -2.69 11.18
C GLU B 154 -11.67 -2.46 12.27
N ILE B 155 -12.57 -3.42 12.42
CA ILE B 155 -13.60 -3.38 13.46
C ILE B 155 -13.02 -2.94 14.80
N VAL B 156 -12.00 -3.68 15.27
CA VAL B 156 -11.37 -3.42 16.57
C VAL B 156 -10.76 -2.02 16.65
N SER B 157 -10.15 -1.57 15.55
CA SER B 157 -9.64 -0.22 15.50
C SER B 157 -10.76 0.72 15.90
N ASN B 158 -11.89 0.61 15.21
CA ASN B 158 -13.04 1.46 15.42
C ASN B 158 -13.73 1.20 16.77
N LEU B 159 -13.85 -0.07 17.14
CA LEU B 159 -14.44 -0.46 18.42
C LEU B 159 -13.82 0.35 19.56
N LEU B 160 -12.49 0.53 19.51
CA LEU B 160 -11.71 1.27 20.51
C LEU B 160 -12.11 2.71 20.63
N ASN B 161 -12.67 3.26 19.57
CA ASN B 161 -13.13 4.64 19.56
C ASN B 161 -14.50 4.83 20.24
N VAL B 162 -15.18 3.73 20.57
CA VAL B 162 -16.56 3.80 21.08
C VAL B 162 -16.86 2.91 22.30
N LEU B 163 -15.90 2.08 22.69
CA LEU B 163 -15.99 1.33 23.94
C LEU B 163 -14.78 1.56 24.82
N PRO B 164 -14.98 1.62 26.15
CA PRO B 164 -13.82 1.70 27.03
C PRO B 164 -12.84 0.52 26.81
N TYR B 165 -11.54 0.85 26.85
CA TYR B 165 -10.48 -0.14 26.63
C TYR B 165 -10.76 -1.50 27.31
N GLU B 166 -11.16 -1.46 28.57
CA GLU B 166 -11.38 -2.63 29.41
C GLU B 166 -12.36 -3.63 28.79
N GLU B 167 -13.19 -3.16 27.86
CA GLU B 167 -14.13 -4.05 27.19
C GLU B 167 -13.56 -4.67 25.92
N VAL B 168 -12.63 -3.96 25.31
CA VAL B 168 -12.09 -4.35 24.00
C VAL B 168 -10.87 -5.26 24.14
N SER B 169 -10.06 -5.00 25.17
CA SER B 169 -8.76 -5.66 25.32
C SER B 169 -8.85 -7.18 25.23
N SER B 170 -9.89 -7.75 25.81
CA SER B 170 -10.08 -9.20 25.78
C SER B 170 -10.17 -9.72 24.35
N ILE B 171 -10.64 -8.89 23.42
CA ILE B 171 -10.74 -9.28 22.00
C ILE B 171 -9.41 -9.07 21.25
N ILE B 172 -8.66 -8.04 21.63
CA ILE B 172 -7.41 -7.70 20.96
C ILE B 172 -6.35 -8.78 21.14
N LYS B 173 -6.17 -9.21 22.39
CA LYS B 173 -5.08 -10.09 22.78
C LYS B 173 -4.91 -11.35 21.93
N PRO B 174 -6.01 -12.05 21.59
CA PRO B 174 -5.91 -13.20 20.67
C PRO B 174 -5.47 -12.87 19.24
N MET B 175 -5.63 -11.62 18.83
CA MET B 175 -5.39 -11.20 17.45
C MET B 175 -3.95 -10.82 17.18
N TYR B 176 -3.08 -11.08 18.15
CA TYR B 176 -1.67 -10.77 18.05
C TYR B 176 -0.84 -11.82 18.78
N PRO B 177 0.43 -11.98 18.39
CA PRO B 177 1.11 -11.25 17.31
C PRO B 177 0.74 -11.70 15.91
N ILE B 178 1.03 -10.82 14.97
CA ILE B 178 0.86 -11.10 13.55
C ILE B 178 1.99 -11.99 13.07
N VAL B 179 1.71 -12.84 12.10
CA VAL B 179 2.74 -13.73 11.59
C VAL B 179 3.03 -13.50 10.10
N ASP B 180 2.04 -13.01 9.37
CA ASP B 180 2.14 -12.84 7.93
C ASP B 180 1.39 -11.59 7.45
N SER B 181 1.72 -11.12 6.25
CA SER B 181 0.99 -10.01 5.63
C SER B 181 0.04 -10.51 4.55
N PHE B 182 -1.16 -9.94 4.51
CA PHE B 182 -2.14 -10.31 3.49
C PHE B 182 -2.67 -9.07 2.74
N GLY B 183 -1.75 -8.25 2.27
CA GLY B 183 -2.09 -7.07 1.48
C GLY B 183 -1.75 -5.78 2.21
N LYS B 184 -1.74 -4.67 1.46
CA LYS B 184 -1.45 -3.36 2.01
C LYS B 184 -2.58 -2.89 2.96
N ASP B 185 -3.78 -3.42 2.73
CA ASP B 185 -4.95 -3.08 3.56
C ASP B 185 -4.94 -3.82 4.89
N TYR B 186 -4.71 -5.14 4.83
CA TYR B 186 -4.48 -5.94 6.02
C TYR B 186 -3.38 -5.28 6.83
N ASP B 187 -2.32 -4.85 6.14
CA ASP B 187 -1.21 -4.22 6.81
C ASP B 187 -1.72 -2.99 7.55
N LEU B 188 -2.57 -2.21 6.88
CA LEU B 188 -3.04 -0.95 7.46
C LEU B 188 -3.84 -1.16 8.76
N THR B 189 -4.77 -2.12 8.75
CA THR B 189 -5.67 -2.30 9.87
C THR B 189 -4.97 -2.92 11.08
N ILE B 190 -4.09 -3.89 10.85
CA ILE B 190 -3.30 -4.48 11.93
C ILE B 190 -2.42 -3.43 12.62
N GLN B 191 -1.94 -2.47 11.86
CA GLN B 191 -1.21 -1.36 12.44
C GLN B 191 -2.13 -0.40 13.18
N THR B 192 -3.34 -0.16 12.67
CA THR B 192 -4.22 0.85 13.29
C THR B 192 -4.66 0.42 14.69
N VAL B 193 -5.04 -0.84 14.86
CA VAL B 193 -5.37 -1.34 16.20
C VAL B 193 -4.24 -0.97 17.15
N LEU B 194 -3.01 -1.31 16.75
CA LEU B 194 -1.80 -1.04 17.53
C LEU B 194 -1.67 0.42 17.92
N LYS B 195 -1.65 1.26 16.89
CA LYS B 195 -1.58 2.69 17.05
C LYS B 195 -2.70 3.21 17.98
N ASN B 196 -3.95 2.80 17.72
CA ASN B 196 -5.08 3.26 18.53
C ASN B 196 -4.97 2.87 19.98
N ALA B 197 -4.64 1.59 20.22
CA ALA B 197 -4.55 1.05 21.56
C ALA B 197 -3.37 1.65 22.33
N LEU B 198 -2.25 1.82 21.63
CA LEU B 198 -1.08 2.45 22.23
C LEU B 198 -1.44 3.85 22.73
N THR B 199 -2.14 4.60 21.87
CA THR B 199 -2.66 5.93 22.19
C THR B 199 -3.45 5.85 23.51
N ILE B 200 -4.48 5.00 23.56
CA ILE B 200 -5.35 4.89 24.73
C ILE B 200 -4.59 4.46 25.97
N SER B 201 -3.73 3.45 25.84
CA SER B 201 -2.95 2.95 26.98
C SER B 201 -2.07 4.05 27.58
N ILE B 202 -1.51 4.90 26.72
CA ILE B 202 -0.75 6.06 27.17
C ILE B 202 -1.69 7.04 27.89
N MET B 203 -2.72 7.50 27.20
CA MET B 203 -3.71 8.44 27.78
C MET B 203 -4.11 8.02 29.19
N ASN B 204 -4.43 6.74 29.35
CA ASN B 204 -4.92 6.19 30.61
C ASN B 204 -3.83 5.75 31.58
N ARG B 205 -2.56 5.86 31.17
CA ARG B 205 -1.43 5.43 31.99
C ARG B 205 -1.41 3.95 32.35
N ASN B 206 -1.84 3.09 31.42
CA ASN B 206 -1.66 1.67 31.62
C ASN B 206 -0.36 1.23 30.96
N LEU B 207 0.74 1.76 31.50
CA LEU B 207 2.07 1.61 30.93
C LEU B 207 2.42 0.16 30.52
N LYS B 208 2.01 -0.80 31.35
CA LYS B 208 2.20 -2.21 31.10
C LYS B 208 1.65 -2.57 29.72
N GLU B 209 0.36 -2.27 29.51
CA GLU B 209 -0.31 -2.54 28.23
C GLU B 209 0.35 -1.74 27.11
N ALA B 210 0.57 -0.46 27.37
CA ALA B 210 1.21 0.43 26.42
C ALA B 210 2.49 -0.17 25.80
N GLN B 211 3.32 -0.79 26.62
CA GLN B 211 4.56 -1.41 26.14
C GLN B 211 4.26 -2.56 25.21
N TYR B 212 3.27 -3.36 25.60
CA TYR B 212 2.82 -4.49 24.78
C TYR B 212 2.54 -4.05 23.35
N TYR B 213 1.84 -2.92 23.19
CA TYR B 213 1.51 -2.41 21.87
C TYR B 213 2.73 -1.93 21.10
N ILE B 214 3.62 -1.20 21.78
CA ILE B 214 4.89 -0.79 21.19
C ILE B 214 5.68 -2.00 20.65
N ASN B 215 5.80 -3.04 21.47
CA ASN B 215 6.54 -4.26 21.12
C ASN B 215 5.93 -4.97 19.94
N GLN B 216 4.60 -5.03 19.93
CA GLN B 216 3.82 -5.61 18.83
C GLN B 216 4.10 -4.90 17.52
N PHE B 217 4.21 -3.57 17.57
CA PHE B 217 4.45 -2.79 16.40
C PHE B 217 5.85 -3.08 15.88
N GLU B 218 6.79 -3.20 16.82
CA GLU B 218 8.17 -3.49 16.45
C GLU B 218 8.24 -4.85 15.75
N HIS B 219 7.51 -5.82 16.28
CA HIS B 219 7.45 -7.14 15.64
C HIS B 219 6.96 -7.07 14.20
N LEU B 220 5.97 -6.21 13.94
CA LEU B 220 5.45 -6.07 12.60
C LEU B 220 6.57 -5.78 11.63
N LYS B 221 7.49 -4.92 12.06
CA LYS B 221 8.60 -4.47 11.24
C LYS B 221 9.50 -5.61 10.77
N THR B 222 9.43 -6.75 11.46
CA THR B 222 10.25 -7.92 11.14
C THR B 222 9.57 -8.88 10.15
N ILE B 223 8.29 -8.67 9.88
CA ILE B 223 7.60 -9.56 8.97
C ILE B 223 7.93 -9.25 7.51
N LYS B 224 8.27 -10.31 6.77
CA LYS B 224 8.57 -10.21 5.34
C LYS B 224 7.32 -9.85 4.55
N ASN B 225 7.44 -8.86 3.67
CA ASN B 225 6.37 -8.37 2.81
C ASN B 225 5.44 -7.36 3.48
N ILE B 226 5.57 -7.19 4.81
CA ILE B 226 4.75 -6.22 5.57
C ILE B 226 5.00 -4.81 5.08
N SER B 227 3.94 -4.06 4.81
CA SER B 227 4.11 -2.70 4.32
C SER B 227 3.80 -1.71 5.42
N ILE B 228 4.80 -1.38 6.24
CA ILE B 228 4.63 -0.46 7.37
C ILE B 228 4.24 0.93 6.87
N ASN B 229 3.30 1.55 7.57
CA ASN B 229 2.86 2.90 7.22
C ASN B 229 3.80 3.97 7.77
N GLY B 230 4.35 4.77 6.87
CA GLY B 230 5.28 5.83 7.23
C GLY B 230 4.74 6.76 8.30
N TYR B 231 3.53 7.27 8.09
CA TYR B 231 2.98 8.22 9.05
C TYR B 231 2.61 7.56 10.37
N TYR B 232 2.21 6.29 10.31
CA TYR B 232 2.02 5.49 11.49
C TYR B 232 3.33 5.31 12.26
N ASP B 233 4.39 4.97 11.54
CA ASP B 233 5.69 4.75 12.16
C ASP B 233 6.12 5.99 12.94
N LEU B 234 5.76 7.16 12.44
CA LEU B 234 6.09 8.41 13.12
C LEU B 234 5.24 8.62 14.35
N GLU B 235 3.93 8.47 14.21
CA GLU B 235 3.01 8.71 15.31
C GLU B 235 3.28 7.75 16.46
N ILE B 236 3.55 6.49 16.14
CA ILE B 236 3.81 5.48 17.16
C ILE B 236 5.13 5.71 17.90
N ASN B 237 6.16 6.12 17.16
CA ASN B 237 7.42 6.51 17.76
C ASN B 237 7.29 7.71 18.70
N TYR B 238 6.46 8.69 18.33
CA TYR B 238 6.16 9.78 19.24
C TYR B 238 5.52 9.26 20.53
N LEU B 239 4.57 8.33 20.40
CA LEU B 239 3.94 7.67 21.54
C LEU B 239 4.93 6.85 22.33
N LYS B 240 5.80 6.13 21.62
CA LYS B 240 6.86 5.34 22.23
C LYS B 240 7.76 6.28 23.02
N GLN B 241 8.03 7.43 22.40
CA GLN B 241 8.91 8.42 22.98
C GLN B 241 8.30 9.01 24.24
N ILE B 242 6.99 9.24 24.22
CA ILE B 242 6.26 9.67 25.43
C ILE B 242 6.22 8.57 26.50
N TYR B 243 6.07 7.32 26.08
CA TYR B 243 6.15 6.19 27.01
C TYR B 243 7.45 6.22 27.80
N GLN B 244 8.57 6.42 27.10
CA GLN B 244 9.90 6.49 27.72
C GLN B 244 10.04 7.72 28.63
N PHE B 245 9.23 8.75 28.38
CA PHE B 245 9.25 9.95 29.21
C PHE B 245 8.46 9.71 30.50
N LEU B 246 7.46 8.83 30.42
CA LEU B 246 6.63 8.56 31.57
C LEU B 246 7.26 7.52 32.48
N THR B 247 8.00 6.57 31.91
CA THR B 247 8.62 5.53 32.73
C THR B 247 9.95 5.95 33.31
N ASP B 248 10.81 6.57 32.50
CA ASP B 248 12.17 6.91 32.92
C ASP B 248 12.34 8.38 33.28
N LYS B 249 11.24 9.15 33.23
CA LYS B 249 11.21 10.58 33.59
C LYS B 249 12.32 11.45 33.01
N ASN B 250 13.07 10.90 32.05
CA ASN B 250 14.12 11.62 31.34
C ASN B 250 13.55 12.55 30.29
N ILE B 251 13.96 13.81 30.34
CA ILE B 251 13.36 14.89 29.56
C ILE B 251 13.69 14.83 28.05
N ASP B 252 14.82 14.21 27.71
CA ASP B 252 15.22 14.06 26.30
C ASP B 252 14.12 13.40 25.46
N SER B 253 13.49 12.37 26.02
CA SER B 253 12.41 11.66 25.35
C SER B 253 11.26 12.58 25.00
N TYR B 254 10.87 13.43 25.94
CA TYR B 254 9.83 14.41 25.69
C TYR B 254 10.14 15.26 24.44
N LEU B 255 11.35 15.81 24.41
CA LEU B 255 11.85 16.62 23.29
C LEU B 255 11.74 15.88 21.98
N ASN B 256 12.19 14.63 21.98
CA ASN B 256 12.07 13.76 20.81
C ASN B 256 10.62 13.74 20.36
N ALA B 257 9.72 13.37 21.27
CA ALA B 257 8.31 13.32 20.95
C ALA B 257 7.86 14.61 20.27
N VAL B 258 8.25 15.75 20.84
CA VAL B 258 7.87 17.05 20.29
C VAL B 258 8.47 17.17 18.90
N ASN B 259 9.77 16.96 18.81
CA ASN B 259 10.50 17.01 17.54
C ASN B 259 9.87 16.17 16.41
N ILE B 260 9.29 15.03 16.77
CA ILE B 260 8.59 14.15 15.84
C ILE B 260 7.30 14.82 15.35
N ILE B 261 6.52 15.31 16.31
CA ILE B 261 5.23 15.95 16.04
C ILE B 261 5.42 17.11 15.10
N ASN B 262 6.38 17.97 15.39
CA ASN B 262 6.63 19.12 14.53
C ASN B 262 6.93 18.71 13.10
N ILE B 263 7.66 17.61 12.93
CA ILE B 263 8.00 17.10 11.60
C ILE B 263 6.74 17.02 10.74
N PHE B 264 5.63 16.65 11.37
CA PHE B 264 4.34 16.63 10.71
C PHE B 264 3.97 17.99 10.10
N LYS B 265 4.15 19.06 10.86
CA LYS B 265 3.93 20.41 10.31
C LYS B 265 4.89 20.69 9.16
N ILE B 266 6.17 20.40 9.36
CA ILE B 266 7.20 20.69 8.36
C ILE B 266 6.96 19.97 7.02
N ILE B 267 6.21 18.87 7.05
CA ILE B 267 5.87 18.14 5.81
C ILE B 267 4.43 18.37 5.35
N GLY B 268 3.79 19.38 5.92
CA GLY B 268 2.48 19.82 5.46
C GLY B 268 1.28 19.01 5.93
N LYS B 269 1.45 18.10 6.88
CA LYS B 269 0.32 17.38 7.46
C LYS B 269 -0.34 18.24 8.54
N GLU B 270 -0.83 19.40 8.12
CA GLU B 270 -1.33 20.47 8.98
C GLU B 270 -2.33 20.03 10.07
N ASP B 271 -3.45 19.46 9.63
CA ASP B 271 -4.50 19.02 10.54
C ASP B 271 -4.08 17.87 11.48
N ILE B 272 -3.23 16.98 10.98
CA ILE B 272 -2.68 15.89 11.80
C ILE B 272 -1.74 16.45 12.87
N HIS B 273 -0.94 17.46 12.50
CA HIS B 273 -0.08 18.13 13.46
C HIS B 273 -0.89 18.81 14.56
N ARG B 274 -1.96 19.52 14.19
CA ARG B 274 -2.89 20.12 15.17
C ARG B 274 -3.47 19.08 16.13
N SER B 275 -4.04 18.00 15.57
CA SER B 275 -4.53 16.85 16.34
C SER B 275 -3.50 16.31 17.34
N LEU B 276 -2.23 16.27 16.92
CA LEU B 276 -1.19 15.72 17.76
C LEU B 276 -0.80 16.65 18.88
N VAL B 277 -0.76 17.94 18.60
CA VAL B 277 -0.39 18.93 19.62
C VAL B 277 -1.45 19.02 20.73
N GLU B 278 -2.72 18.93 20.36
CA GLU B 278 -3.83 18.82 21.31
C GLU B 278 -3.64 17.60 22.19
N GLU B 279 -3.32 16.47 21.55
CA GLU B 279 -3.13 15.20 22.23
C GLU B 279 -1.95 15.23 23.18
N LEU B 280 -0.87 15.90 22.79
CA LEU B 280 0.31 16.02 23.64
C LEU B 280 -0.07 16.77 24.90
N THR B 281 -0.64 17.96 24.75
CA THR B 281 -1.18 18.73 25.87
C THR B 281 -2.02 17.83 26.75
N LYS B 282 -2.99 17.16 26.14
CA LYS B 282 -3.87 16.22 26.85
C LYS B 282 -3.09 15.23 27.70
N ILE B 283 -2.16 14.51 27.07
CA ILE B 283 -1.33 13.52 27.76
C ILE B 283 -0.73 14.10 29.04
N SER B 284 -0.19 15.32 28.97
CA SER B 284 0.45 16.01 30.10
C SER B 284 -0.54 16.44 31.20
N ALA B 285 -1.54 15.59 31.46
CA ALA B 285 -2.58 15.83 32.44
C ALA B 285 -3.37 14.52 32.61
N LYS B 286 -4.51 14.41 31.93
CA LYS B 286 -5.36 13.23 32.03
C LYS B 286 -5.60 12.66 30.63
N LEU C 1 -2.91 9.31 18.57
CA LEU C 1 -4.25 9.65 18.01
C LEU C 1 -5.08 8.39 17.83
N VAL C 2 -6.37 8.46 18.13
CA VAL C 2 -7.25 7.34 17.80
C VAL C 2 -7.96 7.56 16.47
N THR C 3 -7.54 6.81 15.46
CA THR C 3 -8.06 6.96 14.11
C THR C 3 -9.11 5.88 13.83
N LEU C 4 -10.17 6.25 13.10
CA LEU C 4 -11.07 5.26 12.48
C LEU C 4 -10.55 4.91 11.09
N VAL C 5 -10.79 3.66 10.67
CA VAL C 5 -10.40 3.23 9.32
C VAL C 5 -11.50 2.43 8.64
N PHE C 6 -11.73 2.76 7.36
CA PHE C 6 -12.76 2.10 6.53
C PHE C 6 -12.18 1.71 5.18
N VAL C 7 -11.91 0.41 5.00
CA VAL C 7 -11.23 -0.09 3.81
C VAL C 7 -12.23 -0.46 2.69
N LEU D 1 17.61 10.46 -2.32
CA LEU D 1 18.41 9.27 -2.74
C LEU D 1 17.82 8.64 -3.99
N VAL D 2 18.68 8.21 -4.90
CA VAL D 2 18.19 7.50 -6.07
C VAL D 2 18.01 6.04 -5.71
N THR D 3 16.76 5.65 -5.46
CA THR D 3 16.37 4.31 -5.03
C THR D 3 15.99 3.43 -6.21
N LEU D 4 16.26 2.13 -6.11
CA LEU D 4 15.76 1.17 -7.11
C LEU D 4 14.50 0.52 -6.59
N VAL D 5 13.59 0.15 -7.50
CA VAL D 5 12.37 -0.53 -7.11
C VAL D 5 12.08 -1.70 -8.03
N PHE D 6 11.71 -2.81 -7.42
CA PHE D 6 11.34 -3.99 -8.17
C PHE D 6 10.08 -4.53 -7.55
N VAL D 7 8.95 -4.06 -8.08
CA VAL D 7 7.66 -4.54 -7.66
C VAL D 7 7.48 -5.93 -8.24
#